data_6AOS
#
_entry.id   6AOS
#
_cell.length_a   100.401
_cell.length_b   100.401
_cell.length_c   383.340
_cell.angle_alpha   90.00
_cell.angle_beta   90.00
_cell.angle_gamma   120.00
#
_symmetry.space_group_name_H-M   'H 3 2'
#
loop_
_entity.id
_entity.type
_entity.pdbx_description
1 polymer 'Hemagglutinin HA1 chain'
2 polymer 'Hemagglutinin HA2chain'
3 branched alpha-D-mannopyranose-(1-3)-[alpha-D-mannopyranose-(1-6)]beta-D-mannopyranose-(1-4)-2-acetamido-2-deoxy-beta-D-glucopyranose-(1-4)-2-acetamido-2-deoxy-beta-D-glucopyranose
4 branched 2-acetamido-2-deoxy-beta-D-glucopyranose-(1-4)-2-acetamido-2-deoxy-beta-D-glucopyranose
5 branched 'N-acetyl-alpha-neuraminic acid-(2-3)-beta-D-galactopyranose-(1-4)-2-acetamido-2-deoxy-beta-D-glucopyranose'
6 non-polymer 2-acetamido-2-deoxy-beta-D-glucopyranose
7 water water
#
loop_
_entity_poly.entity_id
_entity_poly.type
_entity_poly.pdbx_seq_one_letter_code
_entity_poly.pdbx_strand_id
1 'polypeptide(L)'
;ANPGATLCLGHHAVPNGTIVKTITNDQIEVTNATELVQSSSTGEICDSPHQILDGENCTLIDALLGDPQCDGFQNKKWDL
FVERSKAYSNCYPYDVPDYASLRSLVASSGTLEFNNESFNWTGVTQNGTSSACIRRSNNSFFSRLNWLTHLKFKYPALNV
TMPNNEKFDKLYIWGVHHPGTDNDQIFPYAQASGRITVSTKRSQQTVIPNIGSRPRVRNIPSRISIYWTIVKPGDILLIN
STGNLIAPRGYFKIRSGKSSIMRSDAPIGKCNSECITPNGSIPNDKPFQNVNRITYGACPRYVKQNTLKLATGMRNVPEK
QTR
;
A
2 'polypeptide(L)'
;GIFGAIAGFIENGWEGMVDGWYGFRHQNSEGIGQAADLKSTQAAIDQINGKLNRLIGKTNEKFHQIEKEFSEVEGRIQDL
EKYVEDTKIDLWSYNAELLVALENQHTIDLTDSEMNKLFEKTKKQLRENAEDMGNGCFKIYHKCDNACIGSIRNGTYDHD
VYRDEALNNRFQIK
;
B
#
loop_
_chem_comp.id
_chem_comp.type
_chem_comp.name
_chem_comp.formula
BMA D-saccharide, beta linking beta-D-mannopyranose 'C6 H12 O6'
GAL D-saccharide, beta linking beta-D-galactopyranose 'C6 H12 O6'
MAN D-saccharide, alpha linking alpha-D-mannopyranose 'C6 H12 O6'
NAG D-saccharide, beta linking 2-acetamido-2-deoxy-beta-D-glucopyranose 'C8 H15 N O6'
SIA D-saccharide, alpha linking 'N-acetyl-alpha-neuraminic acid' 'C11 H19 N O9'
#
# COMPACT_ATOMS: atom_id res chain seq x y z
N PRO A 3 -6.00 54.97 -37.76
CA PRO A 3 -6.46 54.38 -36.50
C PRO A 3 -5.54 53.29 -35.90
N GLY A 4 -5.08 52.35 -36.73
CA GLY A 4 -4.23 51.24 -36.26
C GLY A 4 -4.99 50.07 -35.63
N ALA A 5 -4.38 49.46 -34.61
CA ALA A 5 -4.93 48.28 -33.94
C ALA A 5 -4.38 48.06 -32.52
N THR A 6 -5.12 47.29 -31.73
CA THR A 6 -4.76 46.89 -30.39
C THR A 6 -4.61 45.36 -30.39
N LEU A 7 -3.52 44.83 -29.82
CA LEU A 7 -3.29 43.40 -29.69
C LEU A 7 -2.99 43.06 -28.22
N CYS A 8 -3.89 42.33 -27.57
CA CYS A 8 -3.79 41.94 -26.17
C CYS A 8 -3.41 40.47 -26.04
N LEU A 9 -2.34 40.23 -25.27
CA LEU A 9 -1.90 38.90 -24.87
C LEU A 9 -2.61 38.51 -23.59
N GLY A 10 -2.97 37.24 -23.49
CA GLY A 10 -3.68 36.77 -22.31
C GLY A 10 -3.72 35.29 -22.16
N HIS A 11 -4.43 34.92 -21.10
CA HIS A 11 -4.50 33.56 -20.62
C HIS A 11 -5.94 33.27 -20.19
N HIS A 12 -6.27 31.98 -20.12
CA HIS A 12 -7.61 31.55 -19.78
C HIS A 12 -7.92 31.66 -18.28
N ALA A 13 -9.18 31.40 -17.97
CA ALA A 13 -9.66 31.31 -16.61
C ALA A 13 -10.94 30.47 -16.59
N VAL A 14 -11.37 30.08 -15.39
CA VAL A 14 -12.58 29.27 -15.25
C VAL A 14 -13.47 29.83 -14.15
N PRO A 15 -14.80 29.61 -14.27
CA PRO A 15 -15.71 30.10 -13.25
C PRO A 15 -15.51 29.39 -11.93
N ASN A 16 -15.28 28.06 -11.98
CA ASN A 16 -15.11 27.17 -10.79
C ASN A 16 -13.64 26.74 -10.51
N GLY A 17 -12.85 27.61 -9.87
CA GLY A 17 -11.46 27.23 -9.49
C GLY A 17 -11.38 26.30 -8.29
N THR A 18 -10.20 25.74 -8.04
CA THR A 18 -9.91 24.98 -6.80
C THR A 18 -8.72 25.53 -6.05
N ILE A 19 -8.81 25.33 -4.74
CA ILE A 19 -7.83 25.83 -3.79
C ILE A 19 -6.70 24.81 -3.59
N VAL A 20 -5.47 25.27 -3.73
CA VAL A 20 -4.30 24.45 -3.44
C VAL A 20 -3.40 25.19 -2.48
N LYS A 21 -2.50 24.43 -1.87
CA LYS A 21 -1.41 24.94 -1.02
C LYS A 21 -0.12 25.13 -1.84
N THR A 22 0.62 26.17 -1.49
CA THR A 22 1.97 26.40 -1.97
C THR A 22 2.94 26.67 -0.83
N ILE A 23 4.18 26.92 -1.23
CA ILE A 23 5.26 27.24 -0.32
C ILE A 23 4.97 28.57 0.42
N THR A 24 4.44 29.55 -0.29
CA THR A 24 4.16 30.88 0.25
C THR A 24 2.71 31.14 0.63
N ASN A 25 1.80 30.21 0.37
CA ASN A 25 0.39 30.52 0.58
C ASN A 25 -0.41 29.27 0.79
N ASP A 26 -1.13 29.18 1.90
CA ASP A 26 -1.89 27.96 2.13
C ASP A 26 -3.16 27.87 1.30
N GLN A 27 -3.60 28.95 0.64
CA GLN A 27 -4.81 28.91 -0.17
C GLN A 27 -4.65 29.78 -1.41
N ILE A 28 -4.45 29.13 -2.56
CA ILE A 28 -4.41 29.86 -3.81
CA ILE A 28 -4.33 29.80 -3.86
C ILE A 28 -5.28 29.10 -4.82
N GLU A 29 -5.99 29.87 -5.64
CA GLU A 29 -6.95 29.29 -6.55
C GLU A 29 -6.25 29.04 -7.88
N VAL A 30 -6.32 27.80 -8.34
CA VAL A 30 -5.81 27.42 -9.65
C VAL A 30 -7.00 26.97 -10.57
N THR A 31 -6.75 26.89 -11.87
CA THR A 31 -7.82 26.53 -12.81
C THR A 31 -8.25 25.08 -12.64
N ASN A 32 -7.30 24.23 -12.27
CA ASN A 32 -7.56 22.81 -12.14
C ASN A 32 -6.54 22.13 -11.19
N ALA A 33 -7.00 21.05 -10.55
CA ALA A 33 -6.14 20.22 -9.69
C ALA A 33 -6.61 18.79 -9.64
N THR A 34 -5.75 17.91 -9.14
CA THR A 34 -6.03 16.50 -9.00
C THR A 34 -5.63 16.00 -7.60
N GLU A 35 -6.38 15.01 -7.10
CA GLU A 35 -6.19 14.48 -5.75
C GLU A 35 -5.04 13.49 -5.75
N LEU A 36 -4.06 13.70 -4.87
CA LEU A 36 -2.99 12.74 -4.66
C LEU A 36 -3.16 11.73 -3.49
N VAL A 37 -4.18 11.89 -2.65
CA VAL A 37 -4.45 10.98 -1.56
C VAL A 37 -5.71 10.14 -1.84
N GLN A 38 -5.53 8.83 -1.96
CA GLN A 38 -6.68 7.92 -2.10
C GLN A 38 -7.34 7.74 -0.74
N SER A 39 -8.64 7.96 -0.67
CA SER A 39 -9.31 7.99 0.63
C SER A 39 -10.54 7.10 0.72
N SER A 40 -10.75 6.24 -0.26
CA SER A 40 -11.93 5.41 -0.27
C SER A 40 -11.64 4.04 -0.85
N SER A 41 -12.42 3.06 -0.38
CA SER A 41 -12.44 1.69 -0.89
CA SER A 41 -12.44 1.71 -0.93
C SER A 41 -13.87 1.37 -1.30
N THR A 42 -14.05 0.31 -2.06
CA THR A 42 -15.40 -0.22 -2.32
C THR A 42 -15.90 -1.02 -1.12
N GLY A 43 -14.98 -1.46 -0.26
CA GLY A 43 -15.34 -2.26 0.91
C GLY A 43 -15.13 -3.74 0.72
N GLU A 44 -14.62 -4.15 -0.45
CA GLU A 44 -14.40 -5.56 -0.78
C GLU A 44 -12.94 -5.82 -0.98
N ILE A 45 -12.52 -7.01 -0.62
CA ILE A 45 -11.21 -7.50 -0.97
C ILE A 45 -11.35 -8.22 -2.30
N CYS A 46 -10.68 -7.72 -3.32
CA CYS A 46 -10.68 -8.33 -4.64
C CYS A 46 -9.86 -9.64 -4.66
N ASP A 47 -10.46 -10.69 -5.23
CA ASP A 47 -9.83 -12.03 -5.28
C ASP A 47 -8.77 -12.17 -6.38
N SER A 48 -8.57 -11.13 -7.18
CA SER A 48 -7.55 -11.06 -8.20
C SER A 48 -6.77 -9.73 -8.09
N PRO A 49 -5.50 -9.70 -8.48
CA PRO A 49 -4.77 -10.81 -9.07
C PRO A 49 -3.93 -11.61 -8.06
N HIS A 50 -4.11 -11.36 -6.76
CA HIS A 50 -3.41 -12.08 -5.72
C HIS A 50 -4.23 -13.27 -5.29
N GLN A 51 -3.59 -14.37 -4.94
CA GLN A 51 -4.29 -15.54 -4.41
C GLN A 51 -4.71 -15.32 -2.93
N ILE A 52 -6.01 -15.18 -2.72
CA ILE A 52 -6.57 -14.89 -1.42
C ILE A 52 -7.11 -16.16 -0.82
N LEU A 53 -6.67 -16.48 0.40
CA LEU A 53 -7.24 -17.57 1.17
C LEU A 53 -8.02 -17.01 2.37
N ASP A 54 -9.36 -17.10 2.29
CA ASP A 54 -10.27 -16.66 3.35
C ASP A 54 -10.22 -17.72 4.44
N GLY A 55 -9.75 -17.32 5.63
CA GLY A 55 -9.68 -18.23 6.76
C GLY A 55 -11.02 -18.62 7.35
N GLU A 56 -12.04 -17.78 7.16
CA GLU A 56 -13.40 -18.03 7.62
C GLU A 56 -13.38 -18.21 9.13
N ASN A 57 -13.68 -19.41 9.64
CA ASN A 57 -13.75 -19.66 11.09
C ASN A 57 -12.39 -20.02 11.70
N CYS A 58 -11.33 -20.04 10.90
CA CYS A 58 -10.04 -20.61 11.29
C CYS A 58 -8.96 -19.57 11.30
N THR A 59 -8.16 -19.53 12.36
CA THR A 59 -6.88 -18.86 12.31
C THR A 59 -5.88 -19.64 11.46
N LEU A 60 -4.80 -18.98 11.07
CA LEU A 60 -3.72 -19.67 10.37
C LEU A 60 -3.22 -20.82 11.26
N ILE A 61 -3.02 -20.56 12.55
CA ILE A 61 -2.47 -21.57 13.46
C ILE A 61 -3.40 -22.78 13.60
N ASP A 62 -4.70 -22.54 13.75
CA ASP A 62 -5.65 -23.66 13.74
C ASP A 62 -5.60 -24.49 12.44
N ALA A 63 -5.46 -23.86 11.29
CA ALA A 63 -5.32 -24.61 10.03
C ALA A 63 -4.00 -25.37 10.01
N LEU A 64 -2.94 -24.77 10.54
CA LEU A 64 -1.62 -25.41 10.66
C LEU A 64 -1.68 -26.69 11.49
N LEU A 65 -2.19 -26.56 12.71
CA LEU A 65 -2.24 -27.69 13.64
C LEU A 65 -3.15 -28.79 13.14
N GLY A 66 -4.22 -28.39 12.46
CA GLY A 66 -5.23 -29.31 11.95
C GLY A 66 -6.46 -29.52 12.83
N ASP A 67 -6.95 -28.44 13.44
CA ASP A 67 -8.28 -28.34 14.11
C ASP A 67 -9.37 -28.79 13.13
N PRO A 68 -10.34 -29.62 13.57
CA PRO A 68 -11.14 -30.36 12.58
C PRO A 68 -11.93 -29.49 11.62
N GLN A 69 -12.46 -28.36 12.09
CA GLN A 69 -13.17 -27.43 11.20
C GLN A 69 -12.30 -26.75 10.11
N CYS A 70 -10.96 -26.91 10.19
CA CYS A 70 -10.00 -26.43 9.20
C CYS A 70 -9.43 -27.52 8.27
N ASP A 71 -10.05 -28.70 8.21
CA ASP A 71 -9.57 -29.79 7.34
C ASP A 71 -9.51 -29.41 5.85
N GLY A 72 -10.38 -28.49 5.43
CA GLY A 72 -10.39 -27.99 4.07
C GLY A 72 -9.15 -27.21 3.64
N PHE A 73 -8.38 -26.69 4.61
CA PHE A 73 -7.16 -25.92 4.31
C PHE A 73 -5.92 -26.76 4.00
N GLN A 74 -6.01 -28.10 4.09
CA GLN A 74 -4.81 -28.92 4.01
C GLN A 74 -4.10 -28.72 2.69
N ASN A 75 -2.81 -28.42 2.83
CA ASN A 75 -1.90 -28.18 1.72
C ASN A 75 -2.16 -26.95 0.87
N LYS A 76 -3.04 -26.03 1.31
CA LYS A 76 -3.31 -24.81 0.53
C LYS A 76 -2.15 -23.83 0.59
N LYS A 77 -2.06 -23.04 -0.47
CA LYS A 77 -1.13 -21.94 -0.63
C LYS A 77 -1.94 -20.62 -0.66
N TRP A 78 -1.23 -19.50 -0.56
CA TRP A 78 -1.83 -18.17 -0.57
C TRP A 78 -0.77 -17.13 -0.80
N ASP A 79 -1.16 -16.08 -1.50
CA ASP A 79 -0.41 -14.85 -1.50
C ASP A 79 -0.79 -14.13 -0.21
N LEU A 80 -2.09 -14.01 0.09
CA LEU A 80 -2.56 -13.35 1.32
C LEU A 80 -3.62 -14.16 2.08
N PHE A 81 -3.31 -14.47 3.34
CA PHE A 81 -4.23 -15.17 4.22
C PHE A 81 -5.04 -14.16 5.00
N VAL A 82 -6.36 -14.23 4.95
CA VAL A 82 -7.21 -13.27 5.64
C VAL A 82 -7.84 -13.92 6.86
N GLU A 83 -7.48 -13.46 8.05
CA GLU A 83 -8.10 -13.95 9.31
C GLU A 83 -9.26 -13.09 9.68
N ARG A 84 -10.37 -13.75 9.99
CA ARG A 84 -11.63 -13.11 10.41
C ARG A 84 -11.72 -13.03 11.92
N SER A 85 -12.33 -11.96 12.44
CA SER A 85 -12.48 -11.78 13.89
C SER A 85 -13.49 -12.73 14.54
N LYS A 86 -14.42 -13.26 13.76
CA LYS A 86 -15.32 -14.30 14.26
C LYS A 86 -14.61 -15.65 14.47
N ALA A 87 -13.39 -15.83 13.95
CA ALA A 87 -12.70 -17.12 14.07
C ALA A 87 -12.59 -17.55 15.55
N TYR A 88 -12.60 -18.87 15.76
CA TYR A 88 -12.52 -19.47 17.08
C TYR A 88 -11.94 -20.88 16.98
N SER A 89 -11.27 -21.34 18.03
CA SER A 89 -10.73 -22.71 18.09
C SER A 89 -11.78 -23.71 18.62
N ASN A 90 -11.70 -24.96 18.17
CA ASN A 90 -12.64 -25.97 18.61
C ASN A 90 -11.95 -27.33 18.67
N CYS A 91 -10.88 -27.39 19.45
CA CYS A 91 -10.12 -28.60 19.64
C CYS A 91 -9.57 -28.56 21.05
N TYR A 92 -8.44 -29.21 21.28
CA TYR A 92 -7.91 -29.28 22.62
C TYR A 92 -7.34 -27.92 22.92
N PRO A 93 -7.59 -27.38 24.13
CA PRO A 93 -7.03 -26.06 24.44
C PRO A 93 -5.51 -26.06 24.37
N TYR A 94 -4.95 -24.97 23.83
CA TYR A 94 -3.50 -24.87 23.65
C TYR A 94 -2.98 -23.46 23.67
N ASP A 95 -1.68 -23.34 23.95
CA ASP A 95 -0.97 -22.08 23.75
C ASP A 95 0.32 -22.28 22.95
N VAL A 96 0.86 -21.18 22.45
CA VAL A 96 2.08 -21.16 21.68
C VAL A 96 2.95 -20.05 22.27
N PRO A 97 4.03 -20.41 22.99
CA PRO A 97 5.09 -19.43 23.24
C PRO A 97 5.60 -18.83 21.91
N ASP A 98 5.58 -17.51 21.80
CA ASP A 98 5.89 -16.85 20.54
C ASP A 98 4.90 -17.25 19.39
N TYR A 99 3.62 -17.33 19.77
CA TYR A 99 2.51 -17.38 18.82
C TYR A 99 2.73 -16.44 17.62
N ALA A 100 3.03 -15.18 17.91
CA ALA A 100 3.19 -14.17 16.85
C ALA A 100 4.27 -14.54 15.82
N SER A 101 5.38 -15.14 16.26
CA SER A 101 6.47 -15.49 15.37
C SER A 101 6.15 -16.70 14.51
N LEU A 102 5.45 -17.66 15.08
CA LEU A 102 5.04 -18.84 14.33
C LEU A 102 4.04 -18.47 13.24
N ARG A 103 3.04 -17.69 13.62
CA ARG A 103 2.06 -17.12 12.68
C ARG A 103 2.73 -16.39 11.51
N SER A 104 3.66 -15.50 11.87
CA SER A 104 4.42 -14.72 10.93
C SER A 104 5.26 -15.54 9.97
N LEU A 105 5.97 -16.54 10.46
CA LEU A 105 6.86 -17.29 9.59
C LEU A 105 6.08 -18.24 8.68
N VAL A 106 4.96 -18.79 9.18
CA VAL A 106 4.07 -19.58 8.33
C VAL A 106 3.36 -18.69 7.27
N ALA A 107 2.81 -17.56 7.70
CA ALA A 107 2.17 -16.59 6.78
C ALA A 107 3.08 -16.15 5.67
N SER A 108 4.31 -15.84 6.04
CA SER A 108 5.35 -15.45 5.11
C SER A 108 5.79 -16.58 4.15
N SER A 109 5.77 -17.82 4.62
CA SER A 109 6.11 -18.98 3.80
C SER A 109 5.04 -19.24 2.74
N GLY A 110 3.79 -19.04 3.14
CA GLY A 110 2.72 -18.97 2.16
C GLY A 110 2.20 -20.32 1.72
N THR A 111 2.53 -21.36 2.46
CA THR A 111 2.02 -22.71 2.13
C THR A 111 1.77 -23.51 3.41
N LEU A 112 0.75 -24.36 3.36
CA LEU A 112 0.52 -25.40 4.39
C LEU A 112 0.88 -26.81 3.89
N GLU A 113 1.68 -26.91 2.81
CA GLU A 113 2.10 -28.23 2.25
C GLU A 113 2.72 -29.08 3.33
N PHE A 114 2.19 -30.29 3.52
CA PHE A 114 2.61 -31.19 4.57
C PHE A 114 2.97 -32.57 3.99
N ASN A 115 4.17 -33.04 4.29
CA ASN A 115 4.58 -34.42 3.96
C ASN A 115 4.55 -35.24 5.24
N ASN A 116 3.83 -36.34 5.20
CA ASN A 116 3.86 -37.33 6.29
C ASN A 116 5.19 -38.09 6.37
N GLU A 117 5.64 -38.35 7.58
CA GLU A 117 6.79 -39.21 7.79
C GLU A 117 6.45 -40.34 8.75
N SER A 118 7.10 -41.50 8.56
CA SER A 118 6.92 -42.68 9.42
C SER A 118 7.98 -42.70 10.51
N PHE A 119 7.63 -42.13 11.66
CA PHE A 119 8.50 -42.15 12.84
C PHE A 119 8.38 -43.51 13.53
N ASN A 120 9.51 -44.07 13.95
CA ASN A 120 9.55 -45.35 14.69
C ASN A 120 9.05 -45.13 16.13
N TRP A 121 7.73 -45.16 16.31
CA TRP A 121 7.09 -45.11 17.65
C TRP A 121 6.77 -46.54 18.13
N THR A 122 7.80 -47.36 18.35
CA THR A 122 7.58 -48.68 18.92
C THR A 122 7.51 -48.58 20.45
N GLY A 123 6.58 -49.30 21.04
CA GLY A 123 6.41 -49.32 22.50
C GLY A 123 5.51 -48.26 23.11
N VAL A 124 4.79 -47.49 22.29
CA VAL A 124 3.73 -46.58 22.77
C VAL A 124 2.48 -46.73 21.91
N THR A 125 1.36 -46.23 22.42
CA THR A 125 0.12 -46.18 21.66
C THR A 125 -0.05 -44.81 20.96
N GLN A 126 -0.29 -44.87 19.66
CA GLN A 126 -0.46 -43.68 18.82
C GLN A 126 -1.91 -43.22 18.79
N ASN A 127 -2.13 -42.03 18.24
CA ASN A 127 -3.44 -41.55 17.86
C ASN A 127 -4.40 -41.32 19.03
N GLY A 128 -3.86 -40.80 20.13
CA GLY A 128 -4.68 -40.41 21.28
C GLY A 128 -5.66 -39.33 20.89
N THR A 129 -6.89 -39.42 21.37
CA THR A 129 -7.93 -38.45 21.04
C THR A 129 -8.56 -37.83 22.28
N SER A 130 -9.46 -36.88 22.07
CA SER A 130 -10.25 -36.24 23.15
C SER A 130 -11.68 -35.85 22.71
N SER A 131 -12.58 -35.79 23.71
CA SER A 131 -13.95 -35.25 23.54
C SER A 131 -13.98 -33.75 23.26
N ALA A 132 -12.87 -33.06 23.52
CA ALA A 132 -12.74 -31.63 23.19
C ALA A 132 -12.52 -31.32 21.69
N CYS A 133 -12.18 -32.35 20.91
CA CYS A 133 -11.78 -32.17 19.52
C CYS A 133 -12.55 -33.18 18.66
N ILE A 134 -13.77 -32.81 18.34
CA ILE A 134 -14.68 -33.66 17.60
C ILE A 134 -14.45 -33.57 16.10
N ARG A 135 -14.21 -34.72 15.47
CA ARG A 135 -14.13 -34.76 14.03
C ARG A 135 -15.07 -35.84 13.52
N ARG A 136 -16.03 -35.42 12.69
CA ARG A 136 -17.03 -36.29 12.07
C ARG A 136 -17.73 -37.09 13.14
N SER A 137 -18.26 -36.37 14.13
CA SER A 137 -18.98 -36.92 15.28
C SER A 137 -18.24 -37.95 16.15
N ASN A 138 -16.91 -37.97 16.11
CA ASN A 138 -16.09 -38.92 16.87
C ASN A 138 -15.02 -38.16 17.58
N ASN A 139 -14.61 -38.63 18.77
CA ASN A 139 -13.47 -38.04 19.47
C ASN A 139 -12.26 -38.07 18.56
N SER A 140 -11.60 -36.92 18.41
CA SER A 140 -10.43 -36.82 17.55
C SER A 140 -9.40 -35.89 18.15
N PHE A 141 -8.44 -35.49 17.30
CA PHE A 141 -7.34 -34.63 17.68
C PHE A 141 -6.87 -33.81 16.46
N PHE A 142 -5.88 -32.93 16.68
CA PHE A 142 -5.22 -32.19 15.62
C PHE A 142 -4.63 -33.14 14.57
N SER A 143 -5.01 -32.94 13.30
CA SER A 143 -4.65 -33.84 12.20
C SER A 143 -3.13 -33.97 11.95
N ARG A 144 -2.38 -32.92 12.31
CA ARG A 144 -0.93 -32.94 12.08
C ARG A 144 -0.14 -33.39 13.30
N LEU A 145 -0.84 -33.63 14.40
CA LEU A 145 -0.19 -34.02 15.65
C LEU A 145 -0.56 -35.46 16.03
N ASN A 146 0.33 -36.09 16.79
CA ASN A 146 0.18 -37.50 17.15
C ASN A 146 0.37 -37.67 18.64
N TRP A 147 -0.75 -37.80 19.35
CA TRP A 147 -0.74 -37.91 20.81
C TRP A 147 -0.33 -39.35 21.21
N LEU A 148 0.88 -39.48 21.76
CA LEU A 148 1.40 -40.77 22.17
C LEU A 148 1.04 -41.05 23.64
N THR A 149 0.47 -42.23 23.90
CA THR A 149 0.14 -42.75 25.27
C THR A 149 0.84 -44.10 25.55
N HIS A 150 0.55 -44.71 26.71
CA HIS A 150 1.17 -45.99 27.11
C HIS A 150 0.71 -47.19 26.28
N LEU A 151 1.61 -48.18 26.15
CA LEU A 151 1.28 -49.52 25.66
C LEU A 151 1.50 -50.52 26.82
N LYS A 152 0.42 -51.21 27.18
CA LYS A 152 0.37 -52.17 28.30
C LYS A 152 0.92 -51.59 29.61
N PHE A 153 0.41 -50.41 29.96
CA PHE A 153 0.78 -49.65 31.16
C PHE A 153 2.30 -49.39 31.31
N LYS A 154 2.99 -49.26 30.16
CA LYS A 154 4.40 -48.86 30.11
C LYS A 154 4.65 -47.89 28.97
N TYR A 155 5.39 -46.84 29.30
CA TYR A 155 5.82 -45.81 28.37
C TYR A 155 7.34 -45.75 28.50
N PRO A 156 8.08 -46.46 27.61
CA PRO A 156 9.53 -46.48 27.70
C PRO A 156 10.10 -45.22 27.09
N ALA A 157 11.40 -45.01 27.26
CA ALA A 157 12.06 -43.83 26.73
C ALA A 157 12.08 -43.89 25.20
N LEU A 158 11.66 -42.80 24.56
CA LEU A 158 11.64 -42.73 23.11
C LEU A 158 12.93 -42.05 22.66
N ASN A 159 13.49 -42.53 21.55
CA ASN A 159 14.72 -41.98 20.99
C ASN A 159 14.66 -42.16 19.47
N VAL A 160 13.87 -41.28 18.85
CA VAL A 160 13.50 -41.38 17.45
C VAL A 160 14.19 -40.30 16.62
N THR A 161 14.57 -40.67 15.41
CA THR A 161 15.42 -39.83 14.57
C THR A 161 14.80 -39.71 13.17
N MET A 162 15.11 -38.63 12.47
CA MET A 162 14.55 -38.37 11.14
C MET A 162 15.46 -37.41 10.37
N PRO A 163 16.21 -37.91 9.37
CA PRO A 163 17.15 -37.02 8.67
C PRO A 163 16.47 -36.13 7.63
N ASN A 164 16.98 -34.91 7.46
CA ASN A 164 16.59 -34.06 6.36
C ASN A 164 17.59 -34.23 5.22
N ASN A 165 17.19 -35.03 4.24
CA ASN A 165 17.94 -35.21 2.98
C ASN A 165 17.38 -34.40 1.80
N GLU A 166 16.50 -33.43 2.08
CA GLU A 166 15.84 -32.66 1.03
C GLU A 166 16.67 -31.44 0.66
N LYS A 167 16.19 -30.67 -0.32
CA LYS A 167 16.76 -29.36 -0.68
C LYS A 167 16.35 -28.21 0.28
N PHE A 168 15.24 -28.39 0.98
CA PHE A 168 14.60 -27.29 1.71
C PHE A 168 14.70 -27.53 3.20
N ASP A 169 14.46 -26.46 3.94
CA ASP A 169 14.25 -26.54 5.38
C ASP A 169 12.94 -27.26 5.61
N LYS A 170 12.92 -28.15 6.59
CA LYS A 170 11.69 -28.74 7.11
C LYS A 170 11.26 -27.96 8.35
N LEU A 171 9.95 -27.75 8.50
CA LEU A 171 9.39 -27.16 9.71
C LEU A 171 8.61 -28.24 10.45
N TYR A 172 9.04 -28.56 11.67
CA TYR A 172 8.36 -29.53 12.50
C TYR A 172 7.59 -28.81 13.57
N ILE A 173 6.32 -29.16 13.69
CA ILE A 173 5.45 -28.65 14.75
C ILE A 173 5.15 -29.75 15.76
N TRP A 174 5.35 -29.46 17.04
CA TRP A 174 5.18 -30.44 18.13
C TRP A 174 4.73 -29.80 19.44
N GLY A 175 4.46 -30.64 20.45
CA GLY A 175 3.90 -30.15 21.69
C GLY A 175 4.13 -30.97 22.94
N VAL A 176 3.71 -30.41 24.06
CA VAL A 176 3.82 -31.01 25.37
C VAL A 176 2.45 -30.94 26.00
N HIS A 177 1.98 -32.04 26.54
CA HIS A 177 0.75 -32.07 27.32
C HIS A 177 1.05 -31.71 28.77
N HIS A 178 0.53 -30.58 29.24
CA HIS A 178 0.54 -30.20 30.65
C HIS A 178 -0.75 -30.75 31.28
N PRO A 179 -0.64 -31.82 32.10
CA PRO A 179 -1.86 -32.38 32.71
C PRO A 179 -2.49 -31.47 33.75
N GLY A 180 -3.82 -31.47 33.81
CA GLY A 180 -4.58 -30.71 34.80
C GLY A 180 -4.44 -31.25 36.22
N THR A 181 -4.50 -32.58 36.35
CA THR A 181 -4.42 -33.28 37.63
C THR A 181 -3.50 -34.53 37.53
N ASP A 182 -3.32 -35.20 38.67
CA ASP A 182 -2.56 -36.48 38.73
C ASP A 182 -3.13 -37.54 37.79
N ASN A 183 -4.46 -37.65 37.75
CA ASN A 183 -5.18 -38.60 36.89
C ASN A 183 -4.95 -38.40 35.39
N ASP A 184 -4.83 -37.14 34.97
CA ASP A 184 -4.54 -36.77 33.57
C ASP A 184 -3.09 -37.11 33.12
N GLN A 185 -2.21 -37.37 34.08
CA GLN A 185 -0.85 -37.86 33.85
C GLN A 185 -0.80 -39.40 33.91
N ILE A 186 -1.48 -40.01 34.89
CA ILE A 186 -1.50 -41.47 35.06
C ILE A 186 -2.24 -42.23 33.95
N PHE A 187 -3.43 -41.77 33.57
CA PHE A 187 -4.23 -42.46 32.53
C PHE A 187 -3.44 -42.58 31.20
N PRO A 188 -2.97 -41.44 30.63
CA PRO A 188 -2.24 -41.55 29.34
C PRO A 188 -0.83 -42.13 29.40
N TYR A 189 -0.03 -41.76 30.38
CA TYR A 189 1.38 -42.22 30.44
C TYR A 189 1.69 -43.23 31.56
N ALA A 190 0.72 -43.50 32.44
CA ALA A 190 0.84 -44.47 33.55
C ALA A 190 2.19 -44.44 34.27
N GLN A 191 2.57 -43.24 34.69
CA GLN A 191 3.82 -42.95 35.42
C GLN A 191 3.83 -41.45 35.78
N ALA A 192 4.85 -41.04 36.55
CA ALA A 192 4.88 -39.70 37.18
C ALA A 192 5.20 -38.50 36.26
N SER A 193 6.32 -38.51 35.56
CA SER A 193 6.70 -37.33 34.80
C SER A 193 7.33 -37.56 33.44
N GLY A 194 7.10 -36.59 32.56
CA GLY A 194 7.67 -36.61 31.23
C GLY A 194 8.77 -35.57 31.11
N ARG A 195 9.54 -35.73 30.04
CA ARG A 195 10.56 -34.77 29.62
C ARG A 195 10.62 -34.94 28.13
N ILE A 196 10.77 -33.83 27.41
CA ILE A 196 10.90 -33.87 25.95
C ILE A 196 12.12 -33.05 25.56
N THR A 197 13.02 -33.65 24.80
CA THR A 197 14.17 -32.92 24.27
C THR A 197 14.21 -33.12 22.75
N VAL A 198 13.85 -32.07 22.02
CA VAL A 198 13.94 -32.07 20.56
C VAL A 198 15.23 -31.37 20.16
N SER A 199 16.12 -32.11 19.49
CA SER A 199 17.45 -31.63 19.15
C SER A 199 17.80 -31.80 17.68
N THR A 200 18.76 -31.00 17.24
CA THR A 200 19.40 -31.17 15.93
C THR A 200 20.91 -31.05 16.17
N LYS A 201 21.70 -31.13 15.10
CA LYS A 201 23.12 -30.79 15.20
C LYS A 201 23.36 -29.36 15.71
N ARG A 202 22.48 -28.43 15.38
CA ARG A 202 22.65 -27.02 15.73
C ARG A 202 21.67 -26.51 16.78
N SER A 203 20.66 -27.28 17.15
CA SER A 203 19.66 -26.80 18.12
C SER A 203 19.25 -27.82 19.18
N GLN A 204 18.74 -27.31 20.29
CA GLN A 204 18.11 -28.14 21.30
C GLN A 204 17.04 -27.32 22.03
N GLN A 205 15.84 -27.87 22.11
CA GLN A 205 14.80 -27.36 22.96
C GLN A 205 14.43 -28.48 23.92
N THR A 206 14.29 -28.15 25.19
CA THR A 206 13.87 -29.12 26.20
C THR A 206 12.71 -28.51 27.01
N VAL A 207 11.73 -29.33 27.33
CA VAL A 207 10.45 -28.89 27.89
C VAL A 207 9.96 -29.89 28.95
N ILE A 208 9.64 -29.38 30.14
CA ILE A 208 9.09 -30.16 31.26
C ILE A 208 7.57 -29.95 31.32
N PRO A 209 6.77 -31.03 31.39
CA PRO A 209 5.37 -30.82 31.73
C PRO A 209 5.24 -30.34 33.17
N ASN A 210 4.30 -29.44 33.40
CA ASN A 210 3.98 -28.91 34.70
C ASN A 210 2.57 -29.38 34.96
N ILE A 211 2.36 -30.21 35.98
CA ILE A 211 1.02 -30.69 36.35
C ILE A 211 0.34 -29.57 37.14
N GLY A 212 -0.93 -29.30 36.84
CA GLY A 212 -1.63 -28.18 37.48
C GLY A 212 -2.90 -27.77 36.77
N SER A 213 -3.90 -27.39 37.56
CA SER A 213 -5.20 -27.02 37.01
C SER A 213 -5.12 -25.63 36.38
N ARG A 214 -5.66 -25.53 35.16
CA ARG A 214 -5.92 -24.27 34.46
C ARG A 214 -7.45 -24.12 34.38
N PRO A 215 -7.96 -22.86 34.31
CA PRO A 215 -9.39 -22.63 34.08
C PRO A 215 -9.88 -23.41 32.88
N ARG A 216 -11.01 -24.09 33.00
CA ARG A 216 -11.49 -24.98 31.93
C ARG A 216 -11.80 -24.22 30.63
N VAL A 217 -11.38 -24.80 29.50
CA VAL A 217 -11.73 -24.30 28.15
C VAL A 217 -12.22 -25.52 27.36
N ARG A 218 -13.51 -25.52 27.04
CA ARG A 218 -14.19 -26.65 26.38
C ARG A 218 -14.05 -27.90 27.29
N ASN A 219 -14.43 -27.64 28.55
CA ASN A 219 -14.42 -28.57 29.71
C ASN A 219 -13.06 -29.17 30.16
N ILE A 220 -11.95 -28.64 29.64
CA ILE A 220 -10.62 -29.24 29.79
C ILE A 220 -9.70 -28.32 30.62
N PRO A 221 -9.22 -28.80 31.78
CA PRO A 221 -8.29 -28.01 32.59
C PRO A 221 -6.80 -28.25 32.25
N SER A 222 -6.51 -29.22 31.39
CA SER A 222 -5.15 -29.43 30.88
C SER A 222 -4.87 -28.40 29.78
N ARG A 223 -3.62 -28.35 29.33
CA ARG A 223 -3.22 -27.57 28.18
C ARG A 223 -2.23 -28.32 27.35
N ILE A 224 -2.20 -28.06 26.05
CA ILE A 224 -1.08 -28.41 25.19
C ILE A 224 -0.25 -27.14 24.92
N SER A 225 1.08 -27.21 25.03
CA SER A 225 1.96 -26.11 24.61
C SER A 225 2.67 -26.48 23.34
N ILE A 226 2.59 -25.63 22.33
CA ILE A 226 3.10 -25.93 21.00
C ILE A 226 4.43 -25.23 20.78
N TYR A 227 5.41 -26.00 20.29
CA TYR A 227 6.73 -25.52 19.92
C TYR A 227 7.05 -25.93 18.48
N TRP A 228 8.12 -25.35 17.92
CA TRP A 228 8.53 -25.69 16.57
C TRP A 228 10.04 -25.73 16.43
N THR A 229 10.46 -26.40 15.36
CA THR A 229 11.86 -26.70 15.08
C THR A 229 12.07 -26.74 13.57
N ILE A 230 13.12 -26.07 13.12
CA ILE A 230 13.47 -26.06 11.72
C ILE A 230 14.71 -26.93 11.58
N VAL A 231 14.69 -27.78 10.56
CA VAL A 231 15.79 -28.69 10.29
C VAL A 231 16.31 -28.44 8.89
N LYS A 232 17.59 -28.07 8.82
CA LYS A 232 18.27 -27.73 7.57
C LYS A 232 18.61 -28.99 6.75
N PRO A 233 18.88 -28.83 5.44
CA PRO A 233 19.42 -29.94 4.66
C PRO A 233 20.75 -30.44 5.24
N GLY A 234 20.92 -31.75 5.30
CA GLY A 234 22.08 -32.38 5.92
C GLY A 234 21.86 -32.70 7.39
N ASP A 235 21.02 -31.92 8.08
CA ASP A 235 20.83 -32.03 9.52
C ASP A 235 19.79 -33.13 9.83
N ILE A 236 19.62 -33.45 11.11
CA ILE A 236 18.77 -34.57 11.60
C ILE A 236 17.93 -34.14 12.82
N LEU A 237 16.64 -34.44 12.80
CA LEU A 237 15.79 -34.24 13.97
C LEU A 237 15.97 -35.41 14.93
N LEU A 238 16.02 -35.14 16.24
CA LEU A 238 16.03 -36.18 17.28
C LEU A 238 15.00 -35.86 18.34
N ILE A 239 14.04 -36.76 18.53
CA ILE A 239 13.03 -36.62 19.58
C ILE A 239 13.33 -37.65 20.68
N ASN A 240 13.53 -37.14 21.89
CA ASN A 240 13.86 -37.92 23.10
C ASN A 240 12.72 -37.68 24.10
N SER A 241 11.91 -38.71 24.43
CA SER A 241 10.80 -38.49 25.38
C SER A 241 10.49 -39.65 26.32
N THR A 242 10.28 -39.28 27.58
CA THR A 242 9.86 -40.20 28.65
C THR A 242 8.39 -39.99 29.05
N GLY A 243 7.62 -39.29 28.20
CA GLY A 243 6.22 -38.96 28.50
C GLY A 243 5.80 -37.59 27.97
N ASN A 244 4.48 -37.44 27.76
CA ASN A 244 3.81 -36.14 27.50
C ASN A 244 4.09 -35.49 26.14
N LEU A 245 4.65 -36.25 25.20
CA LEU A 245 5.01 -35.76 23.88
C LEU A 245 3.77 -35.77 22.99
N ILE A 246 3.52 -34.63 22.36
CA ILE A 246 2.56 -34.51 21.28
C ILE A 246 3.45 -34.42 20.06
N ALA A 247 3.58 -35.55 19.37
CA ALA A 247 4.58 -35.69 18.35
C ALA A 247 4.09 -35.22 16.99
N PRO A 248 5.02 -34.88 16.10
CA PRO A 248 4.67 -34.54 14.73
C PRO A 248 4.42 -35.79 13.91
N ARG A 249 3.52 -35.67 12.92
CA ARG A 249 3.27 -36.71 11.93
C ARG A 249 4.09 -36.51 10.66
N GLY A 250 4.90 -35.45 10.64
CA GLY A 250 5.76 -35.14 9.50
C GLY A 250 6.19 -33.70 9.54
N TYR A 251 6.41 -33.10 8.37
CA TYR A 251 6.88 -31.72 8.28
C TYR A 251 6.12 -30.90 7.26
N PHE A 252 6.22 -29.59 7.45
CA PHE A 252 5.76 -28.57 6.50
C PHE A 252 6.95 -28.07 5.71
N LYS A 253 6.72 -27.81 4.42
CA LYS A 253 7.71 -27.12 3.60
C LYS A 253 7.71 -25.68 4.05
N ILE A 254 8.88 -25.06 4.05
CA ILE A 254 8.97 -23.65 4.33
C ILE A 254 9.62 -23.01 3.11
N ARG A 255 8.90 -22.06 2.51
CA ARG A 255 9.27 -21.39 1.27
C ARG A 255 9.62 -19.96 1.60
N SER A 256 10.24 -19.27 0.65
CA SER A 256 10.28 -17.80 0.69
C SER A 256 9.51 -17.24 -0.49
N GLY A 257 8.88 -16.10 -0.27
CA GLY A 257 8.11 -15.48 -1.32
C GLY A 257 7.39 -14.26 -0.80
N LYS A 258 6.33 -13.90 -1.48
CA LYS A 258 5.65 -12.63 -1.27
C LYS A 258 4.46 -12.79 -0.33
N SER A 259 4.34 -13.91 0.37
CA SER A 259 3.09 -14.23 1.06
C SER A 259 2.95 -13.48 2.38
N SER A 260 1.72 -13.27 2.84
CA SER A 260 1.47 -12.63 4.13
C SER A 260 0.08 -12.97 4.69
N ILE A 261 -0.31 -12.22 5.72
CA ILE A 261 -1.56 -12.41 6.43
C ILE A 261 -2.07 -11.05 6.87
N MET A 262 -3.39 -10.91 6.91
CA MET A 262 -4.04 -9.68 7.24
C MET A 262 -5.33 -9.97 8.01
N ARG A 263 -5.55 -9.28 9.13
CA ARG A 263 -6.83 -9.34 9.85
C ARG A 263 -7.82 -8.40 9.19
N SER A 264 -8.98 -8.91 8.83
CA SER A 264 -9.98 -8.13 8.10
C SER A 264 -11.35 -8.81 8.12
N ASP A 265 -12.41 -8.03 8.26
CA ASP A 265 -13.77 -8.55 8.13
C ASP A 265 -14.44 -8.14 6.83
N ALA A 266 -13.66 -7.72 5.84
CA ALA A 266 -14.23 -7.30 4.57
C ALA A 266 -14.51 -8.51 3.69
N PRO A 267 -15.65 -8.51 2.99
CA PRO A 267 -15.96 -9.65 2.09
C PRO A 267 -15.03 -9.75 0.85
N ILE A 268 -14.86 -10.96 0.33
CA ILE A 268 -14.03 -11.21 -0.84
C ILE A 268 -14.94 -11.01 -2.04
N GLY A 269 -14.52 -10.24 -3.04
CA GLY A 269 -15.35 -9.98 -4.23
C GLY A 269 -14.71 -10.52 -5.50
N LYS A 270 -15.52 -10.68 -6.54
CA LYS A 270 -15.04 -11.07 -7.87
C LYS A 270 -14.63 -9.80 -8.63
N CYS A 271 -13.39 -9.40 -8.42
CA CYS A 271 -12.86 -8.18 -8.98
C CYS A 271 -11.34 -8.21 -8.95
N ASN A 272 -10.73 -7.27 -9.68
CA ASN A 272 -9.29 -7.25 -9.90
C ASN A 272 -8.71 -5.94 -9.36
N SER A 273 -7.94 -6.01 -8.28
CA SER A 273 -7.23 -4.86 -7.74
C SER A 273 -5.90 -5.25 -7.10
N GLU A 274 -4.85 -4.52 -7.46
CA GLU A 274 -3.48 -4.81 -7.04
C GLU A 274 -3.22 -4.57 -5.56
N CYS A 275 -3.97 -3.66 -4.93
CA CYS A 275 -3.69 -3.19 -3.58
C CYS A 275 -4.81 -3.55 -2.64
N ILE A 276 -4.46 -4.23 -1.56
CA ILE A 276 -5.41 -4.66 -0.54
C ILE A 276 -5.13 -3.97 0.80
N THR A 277 -6.20 -3.50 1.44
CA THR A 277 -6.18 -3.05 2.81
C THR A 277 -7.23 -3.84 3.53
N PRO A 278 -7.19 -3.83 4.88
CA PRO A 278 -8.26 -4.45 5.67
C PRO A 278 -9.67 -3.89 5.45
N ASN A 279 -9.78 -2.67 4.92
CA ASN A 279 -11.07 -2.04 4.68
C ASN A 279 -11.64 -2.45 3.33
N GLY A 280 -10.85 -3.16 2.55
CA GLY A 280 -11.16 -3.47 1.18
C GLY A 280 -10.00 -3.07 0.30
N SER A 281 -10.05 -3.48 -0.95
CA SER A 281 -9.08 -3.06 -1.95
C SER A 281 -9.23 -1.56 -2.28
N ILE A 282 -8.16 -0.96 -2.76
CA ILE A 282 -8.17 0.43 -3.18
C ILE A 282 -7.47 0.59 -4.52
N PRO A 283 -7.92 1.54 -5.34
CA PRO A 283 -7.17 1.90 -6.55
C PRO A 283 -5.76 2.32 -6.22
N ASN A 284 -4.82 2.11 -7.11
CA ASN A 284 -3.45 2.55 -6.86
C ASN A 284 -2.90 3.56 -7.86
N ASP A 285 -3.78 4.31 -8.52
CA ASP A 285 -3.33 5.46 -9.34
C ASP A 285 -2.60 6.53 -8.52
N LYS A 286 -3.07 6.80 -7.32
CA LYS A 286 -2.53 7.91 -6.55
C LYS A 286 -1.28 7.45 -5.81
N PRO A 287 -0.37 8.38 -5.51
CA PRO A 287 0.84 8.01 -4.83
C PRO A 287 0.72 7.87 -3.32
N PHE A 288 -0.40 8.33 -2.74
CA PHE A 288 -0.56 8.38 -1.30
C PHE A 288 -1.98 7.91 -1.01
N GLN A 289 -2.20 7.43 0.22
CA GLN A 289 -3.50 6.99 0.67
C GLN A 289 -3.65 7.16 2.17
N ASN A 290 -4.88 7.37 2.62
CA ASN A 290 -5.16 7.50 4.05
C ASN A 290 -6.23 6.54 4.52
N VAL A 291 -6.31 5.38 3.87
CA VAL A 291 -7.31 4.38 4.19
C VAL A 291 -6.83 3.53 5.36
N ASN A 292 -5.63 3.00 5.24
CA ASN A 292 -5.09 2.11 6.28
C ASN A 292 -3.58 2.06 6.21
N ARG A 293 -2.90 2.12 7.35
CA ARG A 293 -1.47 1.84 7.43
C ARG A 293 -1.15 0.37 7.08
N ILE A 294 -2.11 -0.55 7.19
CA ILE A 294 -1.86 -1.95 6.84
C ILE A 294 -2.19 -2.14 5.35
N THR A 295 -1.21 -2.57 4.56
CA THR A 295 -1.40 -2.80 3.12
C THR A 295 -0.71 -4.04 2.60
N TYR A 296 -1.22 -4.60 1.51
CA TYR A 296 -0.58 -5.71 0.79
C TYR A 296 -0.65 -5.43 -0.72
N GLY A 297 0.48 -5.50 -1.42
CA GLY A 297 0.52 -5.39 -2.89
C GLY A 297 1.15 -4.11 -3.37
N ALA A 298 0.82 -3.69 -4.58
CA ALA A 298 1.32 -2.43 -5.14
C ALA A 298 0.38 -1.32 -4.69
N CYS A 299 0.78 -0.60 -3.66
CA CYS A 299 -0.12 0.28 -2.93
C CYS A 299 0.44 1.69 -2.84
N PRO A 300 -0.43 2.69 -2.78
CA PRO A 300 0.04 4.03 -2.40
C PRO A 300 0.59 4.05 -0.98
N ARG A 301 1.52 4.94 -0.67
CA ARG A 301 2.07 5.01 0.68
C ARG A 301 1.09 5.68 1.63
N TYR A 302 1.03 5.20 2.86
CA TYR A 302 0.11 5.74 3.86
C TYR A 302 0.62 7.09 4.42
N VAL A 303 -0.26 8.10 4.42
CA VAL A 303 0.01 9.42 5.00
C VAL A 303 -1.13 9.84 5.92
N LYS A 304 -0.86 10.75 6.84
CA LYS A 304 -1.84 11.23 7.83
C LYS A 304 -2.89 12.16 7.21
N GLN A 305 -2.55 12.85 6.12
CA GLN A 305 -3.42 13.83 5.47
C GLN A 305 -4.56 13.12 4.75
N ASN A 306 -5.74 13.71 4.77
CA ASN A 306 -6.88 13.15 4.03
C ASN A 306 -7.07 13.68 2.59
N THR A 307 -6.39 14.78 2.25
CA THR A 307 -6.40 15.32 0.91
C THR A 307 -5.10 16.08 0.64
N LEU A 308 -4.58 15.94 -0.58
CA LEU A 308 -3.48 16.75 -1.06
C LEU A 308 -3.71 17.06 -2.52
N LYS A 309 -4.00 18.31 -2.82
CA LYS A 309 -4.28 18.72 -4.18
C LYS A 309 -3.03 19.18 -4.92
N LEU A 310 -2.75 18.53 -6.06
CA LEU A 310 -1.70 18.97 -6.96
C LEU A 310 -2.29 19.85 -8.07
N ALA A 311 -1.79 21.07 -8.22
CA ALA A 311 -2.30 21.94 -9.29
C ALA A 311 -1.89 21.37 -10.63
N THR A 312 -2.85 21.36 -11.56
CA THR A 312 -2.61 20.94 -12.92
C THR A 312 -3.01 22.06 -13.86
N GLY A 313 -3.02 23.28 -13.33
CA GLY A 313 -3.33 24.46 -14.13
C GLY A 313 -2.77 25.70 -13.49
N MET A 314 -2.77 26.77 -14.27
CA MET A 314 -2.31 28.07 -13.78
C MET A 314 -3.23 28.64 -12.70
N ARG A 315 -2.72 29.66 -12.04
CA ARG A 315 -3.50 30.46 -11.14
C ARG A 315 -4.77 30.96 -11.84
N ASN A 316 -5.93 30.82 -11.19
CA ASN A 316 -7.23 31.29 -11.70
C ASN A 316 -7.47 32.75 -11.32
N VAL A 317 -7.64 33.61 -12.33
CA VAL A 317 -7.89 35.05 -12.09
C VAL A 317 -9.11 35.44 -12.92
N PRO A 318 -10.32 35.23 -12.38
CA PRO A 318 -11.55 35.42 -13.14
C PRO A 318 -11.89 36.89 -13.42
N GLU A 319 -12.72 37.10 -14.44
CA GLU A 319 -13.13 38.45 -14.92
C GLU A 319 -13.67 39.41 -13.84
N GLY B 1 3.40 33.74 -10.60
CA GLY B 1 3.67 34.91 -9.70
C GLY B 1 5.03 35.58 -9.89
N ILE B 2 6.06 34.76 -10.05
CA ILE B 2 7.43 35.22 -9.95
C ILE B 2 7.87 35.99 -11.20
N PHE B 3 7.18 35.77 -12.33
CA PHE B 3 7.40 36.55 -13.58
C PHE B 3 6.52 37.81 -13.78
N GLY B 4 5.41 37.95 -13.07
CA GLY B 4 4.70 39.22 -13.04
C GLY B 4 3.60 39.37 -14.07
N ALA B 5 3.38 38.36 -14.93
CA ALA B 5 2.33 38.41 -15.95
C ALA B 5 0.97 37.98 -15.42
N ILE B 6 0.79 36.69 -15.12
CA ILE B 6 -0.48 36.17 -14.63
C ILE B 6 -0.68 36.75 -13.24
N ALA B 7 -1.86 37.28 -12.97
CA ALA B 7 -2.16 38.04 -11.75
C ALA B 7 -1.18 39.19 -11.47
N GLY B 8 -0.64 39.75 -12.55
CA GLY B 8 0.32 40.87 -12.47
C GLY B 8 -0.09 41.91 -13.49
N PHE B 9 0.72 42.12 -14.52
CA PHE B 9 0.40 43.14 -15.53
C PHE B 9 -0.77 42.75 -16.45
N ILE B 10 -1.05 41.45 -16.59
CA ILE B 10 -2.32 41.01 -17.18
CA ILE B 10 -2.32 40.96 -17.18
C ILE B 10 -3.38 40.99 -16.07
N GLU B 11 -4.38 41.88 -16.16
CA GLU B 11 -5.37 42.08 -15.07
C GLU B 11 -6.22 40.87 -14.66
N ASN B 12 -6.62 40.09 -15.64
CA ASN B 12 -7.33 38.84 -15.37
C ASN B 12 -7.26 37.92 -16.57
N GLY B 13 -7.67 36.67 -16.35
CA GLY B 13 -7.82 35.69 -17.40
C GLY B 13 -9.11 35.89 -18.16
N TRP B 14 -9.27 35.10 -19.22
CA TRP B 14 -10.40 35.15 -20.12
C TRP B 14 -11.18 33.85 -20.04
N GLU B 15 -12.37 33.91 -19.47
CA GLU B 15 -13.28 32.76 -19.39
C GLU B 15 -13.77 32.27 -20.76
N GLY B 16 -13.92 33.19 -21.70
CA GLY B 16 -14.35 32.86 -23.04
C GLY B 16 -13.27 32.24 -23.93
N MET B 17 -12.03 32.09 -23.43
CA MET B 17 -11.01 31.33 -24.13
C MET B 17 -11.04 29.92 -23.58
N VAL B 18 -11.61 29.02 -24.39
CA VAL B 18 -11.83 27.64 -24.01
C VAL B 18 -11.06 26.66 -24.91
N ASP B 19 -10.31 27.16 -25.88
CA ASP B 19 -9.58 26.28 -26.83
C ASP B 19 -8.07 26.33 -26.62
N GLY B 20 -7.62 27.11 -25.65
CA GLY B 20 -6.22 27.18 -25.28
C GLY B 20 -6.03 27.82 -23.92
N TRP B 21 -4.80 27.82 -23.46
CA TRP B 21 -4.46 28.37 -22.15
C TRP B 21 -3.96 29.80 -22.26
N TYR B 22 -3.31 30.12 -23.38
CA TYR B 22 -2.75 31.41 -23.69
C TYR B 22 -3.27 31.80 -25.07
N GLY B 23 -3.35 33.11 -25.31
CA GLY B 23 -3.69 33.60 -26.65
C GLY B 23 -3.66 35.10 -26.82
N PHE B 24 -4.40 35.52 -27.85
CA PHE B 24 -4.38 36.84 -28.42
C PHE B 24 -5.80 37.34 -28.53
N ARG B 25 -6.03 38.56 -28.06
CA ARG B 25 -7.22 39.33 -28.41
C ARG B 25 -6.79 40.58 -29.16
N HIS B 26 -7.58 40.99 -30.17
CA HIS B 26 -7.29 42.17 -30.97
C HIS B 26 -8.53 42.97 -31.28
N GLN B 27 -8.30 44.28 -31.44
CA GLN B 27 -9.22 45.19 -32.09
C GLN B 27 -8.54 45.82 -33.33
N ASN B 28 -9.19 45.75 -34.49
CA ASN B 28 -8.71 46.43 -35.70
C ASN B 28 -9.90 47.09 -36.44
N SER B 29 -9.73 47.36 -37.73
CA SER B 29 -10.79 47.91 -38.58
C SER B 29 -11.89 46.90 -38.83
N GLU B 30 -11.51 45.62 -38.99
CA GLU B 30 -12.45 44.50 -39.26
C GLU B 30 -13.18 43.92 -38.03
N GLY B 31 -12.97 44.49 -36.84
CA GLY B 31 -13.61 44.03 -35.60
C GLY B 31 -12.71 43.61 -34.44
N ILE B 32 -13.29 42.87 -33.49
CA ILE B 32 -12.62 42.44 -32.24
C ILE B 32 -12.53 40.92 -32.19
N GLY B 33 -11.31 40.37 -32.18
CA GLY B 33 -11.13 38.90 -32.27
C GLY B 33 -10.33 38.24 -31.17
N GLN B 34 -10.45 36.91 -31.09
CA GLN B 34 -9.74 36.08 -30.11
C GLN B 34 -9.27 34.80 -30.78
N ALA B 35 -8.00 34.45 -30.55
CA ALA B 35 -7.43 33.16 -30.96
C ALA B 35 -6.39 32.65 -29.92
N ALA B 36 -6.48 31.37 -29.61
CA ALA B 36 -5.56 30.72 -28.69
C ALA B 36 -4.23 30.44 -29.38
N ASP B 37 -3.11 30.48 -28.62
CA ASP B 37 -1.78 30.11 -29.13
C ASP B 37 -1.51 28.67 -28.69
N LEU B 38 -1.30 27.78 -29.66
CA LEU B 38 -1.17 26.35 -29.38
C LEU B 38 0.16 25.98 -28.76
N LYS B 39 1.25 26.61 -29.21
CA LYS B 39 2.60 26.25 -28.79
C LYS B 39 2.84 26.56 -27.29
N SER B 40 2.50 27.77 -26.86
CA SER B 40 2.65 28.13 -25.44
CA SER B 40 2.61 28.15 -25.45
C SER B 40 1.77 27.25 -24.57
N THR B 41 0.55 26.99 -25.02
CA THR B 41 -0.40 26.12 -24.33
C THR B 41 0.15 24.69 -24.17
N GLN B 42 0.71 24.14 -25.25
CA GLN B 42 1.24 22.79 -25.23
C GLN B 42 2.49 22.76 -24.35
N ALA B 43 3.34 23.80 -24.40
CA ALA B 43 4.57 23.83 -23.58
C ALA B 43 4.26 23.74 -22.06
N ALA B 44 3.25 24.49 -21.61
CA ALA B 44 2.81 24.41 -20.22
C ALA B 44 2.23 23.04 -19.92
N ILE B 45 1.34 22.58 -20.78
CA ILE B 45 0.71 21.26 -20.60
C ILE B 45 1.74 20.12 -20.58
N ASP B 46 2.73 20.13 -21.46
CA ASP B 46 3.74 19.06 -21.45
C ASP B 46 4.51 18.99 -20.13
N GLN B 47 4.81 20.14 -19.55
CA GLN B 47 5.52 20.21 -18.27
C GLN B 47 4.67 19.67 -17.13
N ILE B 48 3.41 20.05 -17.07
CA ILE B 48 2.48 19.53 -16.09
C ILE B 48 2.28 18.03 -16.27
N ASN B 49 2.14 17.54 -17.51
CA ASN B 49 2.08 16.09 -17.73
C ASN B 49 3.38 15.40 -17.28
N GLY B 50 4.50 16.12 -17.39
CA GLY B 50 5.79 15.74 -16.85
C GLY B 50 5.75 15.39 -15.37
N LYS B 51 5.16 16.28 -14.60
CA LYS B 51 5.02 16.06 -13.17
C LYS B 51 4.09 14.90 -12.87
N LEU B 52 2.99 14.82 -13.62
CA LEU B 52 2.02 13.73 -13.45
C LEU B 52 2.62 12.35 -13.78
N ASN B 53 3.45 12.27 -14.82
CA ASN B 53 4.09 11.00 -15.15
CA ASN B 53 4.15 11.03 -15.17
C ASN B 53 4.93 10.50 -13.97
N ARG B 54 5.52 11.40 -13.20
CA ARG B 54 6.34 11.00 -12.05
C ARG B 54 5.53 10.64 -10.80
N LEU B 55 4.27 11.03 -10.77
CA LEU B 55 3.44 10.87 -9.57
C LEU B 55 2.27 9.88 -9.64
N ILE B 56 1.70 9.73 -10.82
CA ILE B 56 0.52 8.90 -11.01
C ILE B 56 0.98 7.55 -11.52
N GLY B 57 0.39 6.49 -10.96
CA GLY B 57 0.65 5.10 -11.36
C GLY B 57 2.05 4.55 -11.13
N LYS B 58 2.76 5.08 -10.14
CA LYS B 58 4.18 4.76 -9.90
C LYS B 58 4.44 3.95 -8.63
N THR B 59 3.39 3.31 -8.09
CA THR B 59 3.43 2.73 -6.73
C THR B 59 4.41 1.57 -6.52
N ASN B 60 4.72 1.34 -5.25
CA ASN B 60 5.70 0.36 -4.76
C ASN B 60 5.09 -0.89 -4.10
N GLU B 61 5.42 -2.07 -4.64
CA GLU B 61 5.03 -3.34 -4.03
C GLU B 61 5.66 -3.61 -2.67
N LYS B 62 4.80 -3.82 -1.68
CA LYS B 62 5.19 -4.34 -0.40
C LYS B 62 4.31 -5.54 -0.04
N PHE B 63 4.90 -6.49 0.68
CA PHE B 63 4.26 -7.79 0.95
C PHE B 63 4.21 -8.04 2.45
N HIS B 64 4.87 -9.07 2.96
CA HIS B 64 4.95 -9.26 4.39
C HIS B 64 5.72 -8.13 5.06
N GLN B 65 5.07 -7.56 6.07
CA GLN B 65 5.58 -6.41 6.81
CA GLN B 65 5.59 -6.42 6.82
C GLN B 65 5.52 -6.78 8.31
N ILE B 66 5.60 -5.80 9.20
CA ILE B 66 5.35 -5.99 10.65
C ILE B 66 3.87 -5.87 10.98
N GLU B 67 3.50 -6.29 12.18
CA GLU B 67 2.16 -6.01 12.67
C GLU B 67 2.09 -4.55 13.13
N LYS B 68 0.90 -3.98 12.95
CA LYS B 68 0.63 -2.58 13.20
C LYS B 68 -0.61 -2.31 14.06
N GLU B 69 -1.35 -3.33 14.47
CA GLU B 69 -2.34 -3.20 15.56
C GLU B 69 -2.13 -4.36 16.49
N PHE B 70 -2.62 -4.19 17.72
CA PHE B 70 -2.37 -5.14 18.79
C PHE B 70 -3.55 -5.22 19.75
N SER B 71 -3.89 -6.43 20.17
CA SER B 71 -4.97 -6.67 21.12
C SER B 71 -4.45 -6.82 22.54
N GLU B 72 -3.13 -7.02 22.68
CA GLU B 72 -2.47 -7.28 23.97
C GLU B 72 -1.50 -6.17 24.35
N VAL B 73 -1.46 -5.86 25.64
CA VAL B 73 -0.40 -5.07 26.23
C VAL B 73 0.83 -5.96 26.37
N GLU B 74 1.94 -5.60 25.70
CA GLU B 74 3.16 -6.42 25.71
C GLU B 74 4.45 -5.69 26.12
N GLY B 75 4.44 -4.35 26.13
CA GLY B 75 5.65 -3.60 26.48
C GLY B 75 6.67 -3.44 25.36
N ARG B 76 7.95 -3.67 25.72
CA ARG B 76 9.11 -3.17 24.99
C ARG B 76 9.08 -3.41 23.48
N ILE B 77 8.88 -4.64 23.04
CA ILE B 77 8.94 -4.94 21.61
C ILE B 77 7.75 -4.33 20.85
N GLN B 78 6.59 -4.26 21.49
CA GLN B 78 5.46 -3.61 20.89
C GLN B 78 5.64 -2.07 20.80
N ASP B 79 6.29 -1.47 21.79
CA ASP B 79 6.62 -0.05 21.75
C ASP B 79 7.48 0.24 20.51
N LEU B 80 8.47 -0.60 20.25
CA LEU B 80 9.38 -0.44 19.13
C LEU B 80 8.66 -0.59 17.80
N GLU B 81 7.79 -1.60 17.68
CA GLU B 81 6.97 -1.80 16.48
C GLU B 81 6.12 -0.56 16.13
N LYS B 82 5.42 -0.04 17.13
CA LYS B 82 4.56 1.12 16.99
C LYS B 82 5.35 2.37 16.64
N TYR B 83 6.47 2.53 17.35
CA TYR B 83 7.33 3.67 17.14
C TYR B 83 7.92 3.70 15.73
N VAL B 84 8.36 2.55 15.22
CA VAL B 84 8.85 2.43 13.84
C VAL B 84 7.78 2.81 12.84
N GLU B 85 6.55 2.34 13.05
CA GLU B 85 5.51 2.65 12.09
C GLU B 85 5.12 4.12 12.17
N ASP B 86 5.02 4.66 13.37
CA ASP B 86 4.71 6.06 13.59
C ASP B 86 5.81 6.98 12.98
N THR B 87 7.07 6.57 13.11
CA THR B 87 8.19 7.30 12.55
C THR B 87 8.09 7.37 11.05
N LYS B 88 7.88 6.21 10.44
CA LYS B 88 7.72 6.08 9.01
C LYS B 88 6.62 6.95 8.44
N ILE B 89 5.45 6.85 9.05
CA ILE B 89 4.30 7.58 8.60
C ILE B 89 4.52 9.10 8.66
N ASP B 90 5.17 9.62 9.70
CA ASP B 90 5.43 11.05 9.78
C ASP B 90 6.43 11.44 8.67
N LEU B 91 7.43 10.62 8.38
CA LEU B 91 8.38 11.00 7.37
C LEU B 91 7.73 11.05 5.98
N TRP B 92 6.92 10.07 5.64
CA TRP B 92 6.19 10.11 4.38
C TRP B 92 5.15 11.22 4.33
N SER B 93 4.48 11.49 5.44
CA SER B 93 3.48 12.55 5.50
C SER B 93 4.16 13.90 5.23
N TYR B 94 5.36 14.06 5.76
CA TYR B 94 6.19 15.22 5.50
C TYR B 94 6.60 15.30 4.04
N ASN B 95 7.09 14.20 3.47
CA ASN B 95 7.45 14.17 2.06
C ASN B 95 6.27 14.57 1.19
N ALA B 96 5.06 14.10 1.53
CA ALA B 96 3.90 14.35 0.66
C ALA B 96 3.51 15.84 0.71
N GLU B 97 3.55 16.44 1.89
CA GLU B 97 3.22 17.84 2.10
C GLU B 97 4.20 18.78 1.37
N LEU B 98 5.49 18.52 1.54
CA LEU B 98 6.51 19.31 0.93
C LEU B 98 6.41 19.16 -0.58
N LEU B 99 6.19 17.95 -1.04
CA LEU B 99 6.20 17.70 -2.45
C LEU B 99 5.14 18.54 -3.16
N VAL B 100 3.93 18.50 -2.64
CA VAL B 100 2.82 19.18 -3.24
CA VAL B 100 2.79 19.18 -3.23
C VAL B 100 3.00 20.70 -3.15
N ALA B 101 3.59 21.18 -2.06
CA ALA B 101 3.80 22.62 -1.90
C ALA B 101 4.79 23.15 -2.93
N LEU B 102 5.87 22.41 -3.16
CA LEU B 102 6.89 22.81 -4.12
C LEU B 102 6.42 22.67 -5.54
N GLU B 103 5.78 21.56 -5.85
CA GLU B 103 5.27 21.36 -7.20
C GLU B 103 4.25 22.44 -7.54
N ASN B 104 3.34 22.75 -6.62
CA ASN B 104 2.32 23.73 -6.86
C ASN B 104 2.92 25.12 -7.08
N GLN B 105 3.92 25.49 -6.28
CA GLN B 105 4.64 26.74 -6.47
C GLN B 105 5.34 26.75 -7.82
N HIS B 106 5.92 25.63 -8.22
CA HIS B 106 6.59 25.55 -9.52
C HIS B 106 5.58 25.60 -10.68
N THR B 107 4.42 25.00 -10.53
CA THR B 107 3.43 24.97 -11.61
C THR B 107 2.89 26.38 -11.87
N ILE B 108 2.61 27.09 -10.79
CA ILE B 108 2.19 28.47 -10.84
C ILE B 108 3.26 29.34 -11.50
N ASP B 109 4.50 29.14 -11.12
CA ASP B 109 5.58 29.87 -11.74
C ASP B 109 5.82 29.54 -13.22
N LEU B 110 5.79 28.28 -13.63
CA LEU B 110 6.05 27.95 -15.03
C LEU B 110 4.89 28.36 -15.94
N THR B 111 3.64 28.32 -15.45
CA THR B 111 2.53 28.81 -16.22
C THR B 111 2.63 30.34 -16.45
N ASP B 112 3.04 31.07 -15.41
CA ASP B 112 3.33 32.52 -15.48
C ASP B 112 4.47 32.79 -16.45
N SER B 113 5.49 31.92 -16.45
CA SER B 113 6.61 32.05 -17.37
C SER B 113 6.18 31.90 -18.84
N GLU B 114 5.32 30.92 -19.14
CA GLU B 114 4.90 30.74 -20.52
C GLU B 114 4.14 31.99 -21.00
N MET B 115 3.28 32.54 -20.16
CA MET B 115 2.61 33.82 -20.50
C MET B 115 3.62 34.88 -20.86
N ASN B 116 4.61 35.04 -19.99
CA ASN B 116 5.64 36.04 -20.20
C ASN B 116 6.44 35.81 -21.48
N LYS B 117 6.76 34.56 -21.78
CA LYS B 117 7.55 34.28 -22.98
C LYS B 117 6.76 34.62 -24.23
N LEU B 118 5.47 34.31 -24.23
CA LEU B 118 4.63 34.65 -25.38
C LEU B 118 4.58 36.16 -25.58
N PHE B 119 4.38 36.89 -24.49
CA PHE B 119 4.33 38.33 -24.55
C PHE B 119 5.61 38.94 -25.12
N GLU B 120 6.75 38.58 -24.53
CA GLU B 120 8.07 39.04 -25.00
C GLU B 120 8.33 38.71 -26.46
N LYS B 121 7.97 37.50 -26.89
CA LYS B 121 8.18 37.05 -28.27
C LYS B 121 7.40 37.92 -29.25
N THR B 122 6.17 38.24 -28.88
CA THR B 122 5.32 39.07 -29.68
C THR B 122 5.88 40.50 -29.73
N LYS B 123 6.32 41.03 -28.60
CA LYS B 123 6.94 42.38 -28.54
C LYS B 123 8.14 42.54 -29.50
N LYS B 124 9.03 41.55 -29.51
CA LYS B 124 10.22 41.59 -30.39
C LYS B 124 9.83 41.55 -31.88
N GLN B 125 8.80 40.80 -32.16
CA GLN B 125 8.30 40.61 -33.49
C GLN B 125 7.81 41.91 -34.12
N LEU B 126 7.17 42.72 -33.30
CA LEU B 126 6.62 44.02 -33.70
C LEU B 126 7.66 45.14 -33.89
N ARG B 127 8.85 44.97 -33.33
CA ARG B 127 9.99 45.88 -33.54
C ARG B 127 9.58 47.31 -33.15
N GLU B 128 9.73 48.28 -34.05
CA GLU B 128 9.34 49.65 -33.80
C GLU B 128 7.89 49.96 -34.24
N ASN B 129 7.09 48.97 -34.63
CA ASN B 129 5.75 49.26 -35.15
C ASN B 129 4.66 49.34 -34.08
N ALA B 130 5.02 49.14 -32.81
CA ALA B 130 4.03 49.06 -31.76
C ALA B 130 4.62 49.50 -30.43
N GLU B 131 3.78 49.84 -29.47
CA GLU B 131 4.21 50.15 -28.13
C GLU B 131 3.44 49.30 -27.12
N ASP B 132 4.14 48.91 -26.05
CA ASP B 132 3.62 48.17 -24.90
C ASP B 132 2.86 49.14 -23.99
N MET B 133 1.56 48.89 -23.82
CA MET B 133 0.71 49.73 -23.01
C MET B 133 0.83 49.41 -21.51
N GLY B 134 1.50 48.32 -21.17
CA GLY B 134 1.77 47.93 -19.77
C GLY B 134 0.74 47.00 -19.13
N ASN B 135 -0.29 46.61 -19.89
CA ASN B 135 -1.34 45.76 -19.39
C ASN B 135 -1.44 44.50 -20.29
N GLY B 136 -0.31 44.15 -20.90
CA GLY B 136 -0.28 43.08 -21.87
C GLY B 136 -0.84 43.36 -23.25
N CYS B 137 -1.26 44.61 -23.53
CA CYS B 137 -1.68 44.99 -24.88
C CYS B 137 -0.65 45.88 -25.57
N PHE B 138 -0.53 45.69 -26.87
CA PHE B 138 0.27 46.56 -27.73
C PHE B 138 -0.65 47.48 -28.54
N LYS B 139 -0.29 48.76 -28.61
CA LYS B 139 -0.86 49.68 -29.57
C LYS B 139 -0.02 49.53 -30.84
N ILE B 140 -0.65 49.07 -31.90
CA ILE B 140 0.01 48.92 -33.19
C ILE B 140 -0.29 50.18 -34.01
N TYR B 141 0.76 50.85 -34.46
CA TYR B 141 0.66 52.15 -35.14
C TYR B 141 0.60 52.05 -36.68
N HIS B 142 -0.06 51.01 -37.18
CA HIS B 142 -0.36 50.92 -38.61
C HIS B 142 -1.66 50.16 -38.80
N LYS B 143 -2.29 50.34 -39.96
CA LYS B 143 -3.46 49.55 -40.34
C LYS B 143 -3.09 48.07 -40.29
N CYS B 144 -3.86 47.30 -39.53
CA CYS B 144 -3.54 45.88 -39.35
C CYS B 144 -4.82 45.08 -39.38
N ASP B 145 -5.22 44.71 -40.60
CA ASP B 145 -6.35 43.80 -40.86
C ASP B 145 -6.16 42.36 -40.34
N ASN B 146 -7.19 41.53 -40.49
CA ASN B 146 -7.17 40.14 -39.99
C ASN B 146 -6.00 39.27 -40.52
N ALA B 147 -5.63 39.42 -41.79
CA ALA B 147 -4.42 38.77 -42.31
C ALA B 147 -3.13 39.22 -41.60
N CYS B 148 -3.00 40.53 -41.37
CA CYS B 148 -1.86 41.10 -40.65
C CYS B 148 -1.77 40.57 -39.20
N ILE B 149 -2.87 40.62 -38.45
CA ILE B 149 -2.96 40.02 -37.09
C ILE B 149 -2.59 38.53 -37.14
N GLY B 150 -3.28 37.77 -38.01
CA GLY B 150 -2.96 36.37 -38.30
C GLY B 150 -1.48 36.09 -38.51
N SER B 151 -0.83 36.98 -39.25
CA SER B 151 0.62 36.93 -39.48
C SER B 151 1.48 37.14 -38.20
N ILE B 152 0.99 37.96 -37.27
CA ILE B 152 1.67 38.14 -35.99
C ILE B 152 1.53 36.87 -35.14
N ARG B 153 0.34 36.27 -35.15
CA ARG B 153 0.09 35.03 -34.42
C ARG B 153 0.89 33.83 -34.97
N ASN B 154 0.99 33.69 -36.30
CA ASN B 154 1.75 32.60 -36.95
C ASN B 154 3.27 32.83 -37.02
N GLY B 155 3.77 33.97 -36.51
CA GLY B 155 5.19 34.27 -36.60
C GLY B 155 5.72 34.62 -37.99
N THR B 156 4.85 35.07 -38.92
CA THR B 156 5.23 35.45 -40.28
C THR B 156 5.19 36.98 -40.56
N TYR B 157 4.84 37.77 -39.55
CA TYR B 157 4.74 39.22 -39.67
C TYR B 157 6.07 39.85 -40.02
N ASP B 158 6.12 40.56 -41.15
CA ASP B 158 7.31 41.32 -41.58
C ASP B 158 7.16 42.79 -41.22
N HIS B 159 7.96 43.21 -40.24
CA HIS B 159 7.84 44.55 -39.67
C HIS B 159 8.27 45.63 -40.69
N ASP B 160 9.20 45.29 -41.60
CA ASP B 160 9.69 46.22 -42.65
C ASP B 160 8.57 46.76 -43.57
N VAL B 161 7.61 45.90 -43.90
CA VAL B 161 6.44 46.27 -44.72
C VAL B 161 5.71 47.50 -44.18
N TYR B 162 5.53 47.58 -42.87
CA TYR B 162 4.74 48.63 -42.22
C TYR B 162 5.56 49.68 -41.51
N ARG B 163 6.88 49.53 -41.50
CA ARG B 163 7.70 50.38 -40.63
C ARG B 163 7.55 51.88 -40.90
N ASP B 164 7.60 52.27 -42.17
CA ASP B 164 7.39 53.66 -42.58
C ASP B 164 6.06 54.21 -42.09
N GLU B 165 5.01 53.45 -42.32
CA GLU B 165 3.69 53.85 -41.84
C GLU B 165 3.71 54.05 -40.33
N ALA B 166 4.28 53.07 -39.63
CA ALA B 166 4.31 53.09 -38.17
C ALA B 166 5.11 54.21 -37.50
N LEU B 167 6.32 54.49 -38.00
CA LEU B 167 7.14 55.56 -37.42
C LEU B 167 6.49 56.91 -37.64
N ASN B 168 5.91 57.10 -38.82
CA ASN B 168 5.16 58.30 -39.12
C ASN B 168 4.05 58.50 -38.09
N ASN B 169 3.30 57.45 -37.79
CA ASN B 169 2.23 57.53 -36.78
C ASN B 169 2.73 57.68 -35.33
N ARG B 170 3.83 57.02 -34.98
CA ARG B 170 4.33 57.01 -33.60
C ARG B 170 4.93 58.33 -33.20
N PHE B 171 5.79 58.86 -34.06
CA PHE B 171 6.54 60.07 -33.75
C PHE B 171 5.90 61.34 -34.33
N GLN B 172 4.58 61.28 -34.60
CA GLN B 172 3.72 62.44 -34.91
C GLN B 172 3.69 63.44 -33.75
N ILE B 173 3.22 64.65 -34.01
CA ILE B 173 2.92 65.65 -32.97
C ILE B 173 1.43 65.99 -32.99
C1 NAG C . -7.82 18.52 -14.58
C2 NAG C . -8.45 18.21 -15.92
C3 NAG C . -8.65 16.71 -16.09
C4 NAG C . -7.35 15.94 -15.85
C5 NAG C . -6.52 16.42 -14.65
C6 NAG C . -5.07 15.92 -14.76
C7 NAG C . -10.07 19.76 -16.87
C8 NAG C . -11.43 20.37 -16.69
N2 NAG C . -9.73 18.89 -15.93
O3 NAG C . -9.13 16.50 -17.42
O4 NAG C . -7.65 14.56 -15.61
O5 NAG C . -6.53 17.84 -14.49
O6 NAG C . -4.37 16.52 -15.86
O7 NAG C . -9.34 20.05 -17.80
C1 NAG C . -7.14 13.67 -16.61
C2 NAG C . -7.09 12.26 -15.99
C3 NAG C . -6.94 11.16 -17.04
C4 NAG C . -7.76 11.40 -18.31
C5 NAG C . -7.62 12.83 -18.83
C6 NAG C . -8.47 13.11 -20.09
C7 NAG C . -6.10 12.21 -13.71
C8 NAG C . -4.81 12.05 -12.96
N2 NAG C . -5.99 12.14 -15.04
O3 NAG C . -7.32 9.93 -16.41
O4 NAG C . -7.26 10.51 -19.31
O5 NAG C . -7.96 13.74 -17.77
O6 NAG C . -9.79 13.54 -19.77
O7 NAG C . -7.16 12.42 -13.13
C1 BMA C . -8.00 9.28 -19.46
C2 BMA C . -7.95 8.96 -20.94
C3 BMA C . -8.52 7.58 -21.25
C4 BMA C . -7.89 6.51 -20.34
C5 BMA C . -8.12 6.96 -18.90
C6 BMA C . -7.67 5.99 -17.81
O2 BMA C . -6.58 9.03 -21.34
O3 BMA C . -8.26 7.35 -22.64
O4 BMA C . -8.46 5.22 -20.59
O5 BMA C . -7.44 8.21 -18.71
O6 BMA C . -8.29 6.44 -16.60
C1 MAN C . -9.38 7.68 -23.49
C2 MAN C . -10.02 6.35 -23.85
C3 MAN C . -9.03 5.51 -24.65
C4 MAN C . -8.39 6.29 -25.80
C5 MAN C . -8.00 7.74 -25.48
C6 MAN C . -7.78 8.56 -26.76
O2 MAN C . -11.25 6.54 -24.57
O3 MAN C . -9.67 4.33 -25.16
O4 MAN C . -7.20 5.59 -26.21
O5 MAN C . -8.99 8.39 -24.68
O6 MAN C . -6.54 9.27 -26.70
C1 MAN C . -8.14 5.55 -15.47
C2 MAN C . -8.91 6.18 -14.30
C3 MAN C . -8.16 7.39 -13.71
C4 MAN C . -6.67 7.08 -13.45
C5 MAN C . -6.02 6.38 -14.64
C6 MAN C . -4.63 5.85 -14.27
O2 MAN C . -9.18 5.19 -13.29
O3 MAN C . -8.80 7.84 -12.50
O4 MAN C . -5.97 8.31 -13.18
O5 MAN C . -6.79 5.26 -15.11
O6 MAN C . -3.78 5.86 -15.42
C1 NAG D . 19.52 -42.20 20.35
C2 NAG D . 20.67 -43.02 20.94
C3 NAG D . 22.01 -42.64 20.29
C4 NAG D . 21.94 -42.68 18.77
C5 NAG D . 20.74 -41.88 18.26
C6 NAG D . 20.52 -42.04 16.75
C7 NAG D . 20.74 -43.76 23.33
C8 NAG D . 21.01 -43.28 24.74
N2 NAG D . 20.86 -42.82 22.38
O3 NAG D . 23.05 -43.52 20.73
O4 NAG D . 23.15 -42.11 18.28
O5 NAG D . 19.54 -42.28 18.91
O6 NAG D . 20.46 -43.43 16.39
O7 NAG D . 20.42 -44.93 23.13
C1 NAG D . 23.93 -42.94 17.39
C2 NAG D . 24.79 -41.98 16.57
C3 NAG D . 25.87 -42.71 15.77
C4 NAG D . 26.66 -43.68 16.63
C5 NAG D . 25.68 -44.65 17.32
C6 NAG D . 26.38 -45.72 18.16
C7 NAG D . 23.50 -39.94 15.98
C8 NAG D . 22.71 -39.27 14.90
N2 NAG D . 23.98 -41.16 15.67
O3 NAG D . 26.76 -41.77 15.19
O4 NAG D . 27.64 -44.34 15.81
O5 NAG D . 24.74 -43.90 18.10
O6 NAG D . 26.52 -45.34 19.53
O7 NAG D . 23.67 -39.38 17.05
C1 NAG E . -13.52 -35.03 37.38
C2 NAG E . -14.14 -34.29 36.19
C3 NAG E . -14.11 -35.16 34.93
C4 NAG E . -12.69 -35.73 34.69
C5 NAG E . -12.17 -36.40 35.96
C6 NAG E . -10.75 -36.97 35.75
C7 NAG E . -16.13 -32.84 35.93
C8 NAG E . -17.53 -32.56 36.42
N2 NAG E . -15.50 -33.86 36.53
O1 NAG E . -13.44 -34.14 38.51
O3 NAG E . -14.52 -34.39 33.79
O4 NAG E . -12.68 -36.70 33.60
O5 NAG E . -12.20 -35.46 37.04
O6 NAG E . -9.91 -36.85 36.90
O7 NAG E . -15.63 -32.18 35.03
C1 GAL E . -12.26 -36.23 32.25
C2 GAL E . -11.82 -37.33 31.23
C3 GAL E . -11.69 -36.82 29.78
C4 GAL E . -12.91 -35.98 29.37
C5 GAL E . -13.09 -34.87 30.39
C6 GAL E . -14.26 -33.95 30.03
O2 GAL E . -10.53 -37.89 31.54
O3 GAL E . -11.54 -37.96 28.91
O4 GAL E . -14.08 -36.79 29.26
O5 GAL E . -13.32 -35.45 31.68
O6 GAL E . -14.01 -32.66 30.59
C1 SIA E . -10.80 -36.63 26.97
C2 SIA E . -10.52 -37.83 27.87
C3 SIA E . -10.63 -39.19 27.15
C4 SIA E . -9.48 -39.40 26.16
C5 SIA E . -8.13 -39.26 26.86
C6 SIA E . -8.10 -37.89 27.54
C7 SIA E . -6.83 -37.57 28.31
C8 SIA E . -7.01 -36.30 29.17
C9 SIA E . -5.65 -35.72 29.53
C10 SIA E . -5.89 -39.91 26.06
C11 SIA E . -4.97 -39.95 24.89
N5 SIA E . -7.10 -39.39 25.85
O1A SIA E . -10.16 -35.56 27.17
O1B SIA E . -11.70 -36.73 26.11
O4 SIA E . -9.51 -40.68 25.53
O6 SIA E . -9.22 -37.77 28.46
O7 SIA E . -6.46 -38.66 29.15
O8 SIA E . -7.76 -35.29 28.47
O9 SIA E . -5.85 -34.46 30.18
O10 SIA E . -5.52 -40.35 27.14
C1 NAG F . -15.37 22.71 -13.12
C2 NAG F . -14.58 21.48 -12.61
C3 NAG F . -14.36 20.43 -13.71
C4 NAG F . -15.70 20.07 -14.36
C5 NAG F . -16.32 21.36 -14.92
C6 NAG F . -17.60 21.16 -15.73
C7 NAG F . -13.04 22.22 -10.82
C8 NAG F . -11.62 22.63 -10.54
N2 NAG F . -13.28 21.91 -12.10
O3 NAG F . -13.71 19.25 -13.20
O4 NAG F . -15.53 19.07 -15.36
O5 NAG F . -16.56 22.26 -13.82
O6 NAG F . -18.69 20.75 -14.89
O7 NAG F . -13.88 22.18 -9.93
C1 NAG G . -18.46 -21.06 10.85
C2 NAG G . -19.20 -22.14 10.06
C3 NAG G . -20.69 -21.75 9.98
C4 NAG G . -21.25 -21.54 11.40
C5 NAG G . -20.40 -20.51 12.15
C6 NAG G . -20.87 -20.25 13.59
C7 NAG G . -17.66 -23.22 8.44
C8 NAG G . -17.15 -23.21 7.02
N2 NAG G . -18.59 -22.30 8.75
O3 NAG G . -21.47 -22.74 9.30
O4 NAG G . -22.62 -21.12 11.33
O5 NAG G . -19.04 -20.95 12.16
O6 NAG G . -20.60 -21.38 14.43
O7 NAG G . -17.22 -24.03 9.25
C1 NAG H . -10.34 1.28 7.92
C2 NAG H . -11.01 2.64 8.13
C3 NAG H . -10.46 3.26 9.43
C4 NAG H . -10.56 2.28 10.59
C5 NAG H . -9.82 0.99 10.23
C6 NAG H . -9.92 -0.02 11.37
C7 NAG H . -11.67 3.84 6.00
C8 NAG H . -11.27 4.91 5.03
N2 NAG H . -10.83 3.62 7.03
O3 NAG H . -11.13 4.48 9.76
O4 NAG H . -10.00 2.90 11.76
O5 NAG H . -10.40 0.42 9.06
O6 NAG H . -8.91 0.28 12.33
O7 NAG H . -12.72 3.23 5.83
C1 NAG I . -3.20 -43.37 13.19
C2 NAG I . -2.82 -44.77 12.67
C3 NAG I . -2.48 -44.72 11.17
C4 NAG I . -3.41 -43.86 10.31
C5 NAG I . -3.84 -42.56 11.00
C6 NAG I . -4.98 -41.86 10.26
C7 NAG I . -1.73 -46.45 14.14
C8 NAG I . -0.41 -46.94 14.67
N2 NAG I . -1.67 -45.39 13.32
O3 NAG I . -2.46 -46.06 10.67
O4 NAG I . -2.74 -43.51 9.08
O5 NAG I . -4.24 -42.84 12.35
O6 NAG I . -6.23 -41.98 10.95
O7 NAG I . -2.77 -46.99 14.47
C1 NAG J . 16.22 -40.27 25.97
C2 NAG J . 15.97 -40.27 27.48
C3 NAG J . 17.02 -41.14 28.17
C4 NAG J . 17.06 -42.54 27.55
C5 NAG J . 17.10 -42.50 26.01
C6 NAG J . 17.02 -43.90 25.36
C7 NAG J . 14.96 -38.09 27.97
C8 NAG J . 15.18 -36.73 28.56
N2 NAG J . 16.01 -38.91 28.01
O3 NAG J . 16.72 -41.20 29.58
O4 NAG J . 18.22 -43.23 28.03
O5 NAG J . 16.08 -41.61 25.50
O6 NAG J . 15.71 -44.46 25.33
O7 NAG J . 13.90 -38.42 27.47
C1 NAG K . -2.27 31.94 -39.86
C2 NAG K . -2.78 32.27 -41.29
C3 NAG K . -4.29 32.01 -41.37
C4 NAG K . -4.54 30.55 -41.08
C5 NAG K . -3.98 30.15 -39.72
C6 NAG K . -3.95 28.63 -39.63
C7 NAG K . -1.33 34.04 -42.24
C8 NAG K . -1.29 35.47 -42.68
N2 NAG K . -2.51 33.63 -41.75
O3 NAG K . -4.83 32.37 -42.65
O4 NAG K . -5.95 30.29 -41.12
O5 NAG K . -2.63 30.60 -39.50
O6 NAG K . -3.61 28.23 -38.31
O7 NAG K . -0.34 33.33 -42.34
#